data_6ENK
#
_entry.id   6ENK
#
_cell.length_a   53.163
_cell.length_b   58.055
_cell.length_c   101.194
_cell.angle_alpha   90.00
_cell.angle_beta   90.00
_cell.angle_gamma   90.00
#
_symmetry.space_group_name_H-M   'P 21 21 21'
#
loop_
_entity.id
_entity.type
_entity.pdbx_description
1 polymer DesE
2 non-polymer 'SODIUM ION'
3 non-polymer 'desferrioxamine B'
4 water water
#
_entity_poly.entity_id   1
_entity_poly.type   'polypeptide(L)'
_entity_poly.pdbx_seq_one_letter_code
;GIDPFYMGGDGKSDGAGDGSGGAAKSGPWSFKDDRGTTVKLDKVPANIVAFTGVAAALFDYGVEVKGVFGPTTTKDGKPD
VQAGDLDVDKVTVLGNEWGKLNVEKYASLAPEVLITTTFDTAGTLWSVPEESKDKVAKLAPSVAISVFDRQLTQPLQRMW
ELAESLGADMKAKKVTDAKAAFDKAAARLRAAAKAKPEIRVLAGSASPDLFYVSGTNLSVDLEYFKALGVNFVEPSEDAK
KATGGWFESLSWENVDKYPADVIIMDDRASTIQPADITEGTWKQLPAVKAGQVIARSPEPILSYDKCTPLLDNLAEAIEN
AKKVG
;
_entity_poly.pdbx_strand_id   A
#
# COMPACT_ATOMS: atom_id res chain seq x y z
N PRO A 28 -6.70 -29.80 -7.03
CA PRO A 28 -5.38 -29.24 -7.41
C PRO A 28 -5.44 -27.74 -7.60
N TRP A 29 -4.44 -27.03 -7.10
CA TRP A 29 -4.38 -25.58 -7.20
C TRP A 29 -3.11 -25.15 -7.92
N SER A 30 -3.26 -24.20 -8.84
CA SER A 30 -2.14 -23.62 -9.55
C SER A 30 -2.33 -22.10 -9.70
N PHE A 31 -1.24 -21.35 -9.54
CA PHE A 31 -1.26 -19.91 -9.79
C PHE A 31 0.11 -19.46 -10.28
N LYS A 32 0.11 -18.76 -11.40
CA LYS A 32 1.31 -18.15 -11.97
C LYS A 32 1.36 -16.73 -11.42
N ASP A 33 2.42 -16.42 -10.69
CA ASP A 33 2.53 -15.11 -10.01
C ASP A 33 3.21 -14.04 -10.88
N ASP A 34 3.47 -12.87 -10.29
CA ASP A 34 4.05 -11.75 -11.04
C ASP A 34 5.55 -11.79 -11.28
N ARG A 35 6.21 -12.82 -10.74
CA ARG A 35 7.56 -13.21 -11.14
C ARG A 35 7.56 -14.18 -12.33
N GLY A 36 6.39 -14.64 -12.75
CA GLY A 36 6.26 -15.63 -13.83
C GLY A 36 6.32 -17.07 -13.33
N THR A 37 6.43 -17.25 -12.00
CA THR A 37 6.58 -18.56 -11.40
C THR A 37 5.22 -19.14 -11.07
N THR A 38 5.03 -20.41 -11.46
CA THR A 38 3.79 -21.11 -11.19
C THR A 38 3.91 -22.04 -9.98
N VAL A 39 3.08 -21.81 -8.97
CA VAL A 39 3.00 -22.69 -7.81
C VAL A 39 1.88 -23.69 -8.12
N LYS A 40 2.19 -24.98 -7.94
CA LYS A 40 1.22 -26.05 -8.16
C LYS A 40 1.22 -26.92 -6.93
N LEU A 41 0.05 -27.02 -6.30
CA LEU A 41 -0.14 -27.81 -5.09
C LEU A 41 -1.25 -28.82 -5.35
N ASP A 42 -1.22 -29.94 -4.63
CA ASP A 42 -2.20 -31.03 -4.89
C ASP A 42 -3.61 -30.65 -4.44
N LYS A 43 -3.72 -29.66 -3.58
CA LYS A 43 -5.04 -29.10 -3.24
C LYS A 43 -4.90 -27.62 -2.89
N VAL A 44 -6.03 -26.94 -2.90
CA VAL A 44 -6.10 -25.53 -2.51
C VAL A 44 -5.50 -25.39 -1.10
N PRO A 45 -4.51 -24.49 -0.93
CA PRO A 45 -3.83 -24.37 0.37
C PRO A 45 -4.77 -23.90 1.48
N ALA A 46 -4.79 -24.66 2.58
CA ALA A 46 -5.53 -24.31 3.78
C ALA A 46 -4.66 -23.47 4.70
N ASN A 47 -3.34 -23.68 4.67
CA ASN A 47 -2.41 -23.01 5.58
C ASN A 47 -1.65 -21.93 4.83
N ILE A 48 -2.34 -20.84 4.56
CA ILE A 48 -1.78 -19.69 3.88
C ILE A 48 -1.11 -18.77 4.92
N VAL A 49 0.10 -18.32 4.61
CA VAL A 49 0.79 -17.27 5.38
C VAL A 49 1.00 -16.11 4.45
N ALA A 50 0.69 -14.89 4.90
CA ALA A 50 0.75 -13.73 4.02
C ALA A 50 1.26 -12.47 4.70
N PHE A 51 1.89 -11.61 3.92
CA PHE A 51 2.14 -10.26 4.38
C PHE A 51 0.82 -9.67 4.85
N THR A 52 0.88 -8.90 5.92
CA THR A 52 -0.36 -8.43 6.57
C THR A 52 -1.31 -7.74 5.57
N GLY A 53 -0.77 -6.84 4.77
CA GLY A 53 -1.60 -6.13 3.78
C GLY A 53 -2.18 -7.05 2.71
N VAL A 54 -1.46 -8.13 2.36
CA VAL A 54 -2.00 -9.14 1.43
C VAL A 54 -3.11 -9.96 2.11
N ALA A 55 -2.89 -10.41 3.34
CA ALA A 55 -3.96 -11.05 4.12
C ALA A 55 -5.20 -10.18 4.21
N ALA A 56 -5.00 -8.89 4.41
CA ALA A 56 -6.13 -7.97 4.48
C ALA A 56 -6.95 -7.93 3.16
N ALA A 57 -6.27 -7.96 2.02
CA ALA A 57 -6.95 -7.92 0.71
C ALA A 57 -7.75 -9.21 0.53
N LEU A 58 -7.11 -10.32 0.81
CA LEU A 58 -7.73 -11.64 0.68
C LEU A 58 -8.97 -11.80 1.56
N PHE A 59 -8.92 -11.21 2.76
CA PHE A 59 -10.03 -11.24 3.72
C PHE A 59 -11.30 -10.64 3.12
N ASP A 60 -11.15 -9.56 2.36
CA ASP A 60 -12.29 -8.87 1.71
C ASP A 60 -12.93 -9.68 0.58
N TYR A 61 -12.23 -10.72 0.10
CA TYR A 61 -12.81 -11.68 -0.84
C TYR A 61 -13.21 -13.01 -0.17
N GLY A 62 -13.13 -13.07 1.15
CA GLY A 62 -13.57 -14.26 1.90
C GLY A 62 -12.53 -15.34 2.05
N VAL A 63 -11.26 -15.02 1.75
CA VAL A 63 -10.16 -15.99 1.91
C VAL A 63 -9.43 -15.74 3.24
N GLU A 64 -9.46 -16.75 4.11
CA GLU A 64 -8.80 -16.72 5.42
C GLU A 64 -7.34 -17.15 5.26
N VAL A 65 -6.49 -16.51 6.06
CA VAL A 65 -5.08 -16.82 6.13
C VAL A 65 -4.81 -17.32 7.56
N LYS A 66 -3.80 -18.16 7.73
CA LYS A 66 -3.46 -18.72 9.04
C LYS A 66 -2.44 -17.86 9.78
N GLY A 67 -1.47 -17.33 9.05
CA GLY A 67 -0.43 -16.50 9.65
C GLY A 67 -0.19 -15.23 8.83
N VAL A 68 0.24 -14.20 9.55
CA VAL A 68 0.60 -12.94 8.91
C VAL A 68 1.95 -12.46 9.39
N PHE A 69 2.59 -11.64 8.57
CA PHE A 69 3.79 -10.94 8.95
C PHE A 69 3.76 -9.53 8.37
N GLY A 70 4.10 -8.55 9.22
CA GLY A 70 4.02 -7.13 8.84
C GLY A 70 3.39 -6.31 9.96
N PRO A 71 3.29 -4.97 9.76
CA PRO A 71 2.58 -4.12 10.72
C PRO A 71 1.16 -4.66 10.87
N THR A 72 0.82 -5.18 12.06
CA THR A 72 -0.45 -5.87 12.26
C THR A 72 -1.27 -5.28 13.38
N THR A 73 -0.66 -5.07 14.53
CA THR A 73 -1.29 -4.30 15.61
C THR A 73 -0.49 -3.08 16.00
N THR A 74 -1.19 -2.11 16.57
CA THR A 74 -0.55 -0.88 17.05
C THR A 74 -0.21 -1.10 18.52
N LYS A 75 0.45 -0.13 19.15
CA LYS A 75 0.95 -0.34 20.51
C LYS A 75 -0.18 -0.36 21.57
N ASP A 76 -1.41 0.00 21.20
CA ASP A 76 -2.58 -0.27 22.04
C ASP A 76 -3.35 -1.55 21.65
N GLY A 77 -2.74 -2.37 20.79
CA GLY A 77 -3.34 -3.63 20.36
C GLY A 77 -4.40 -3.52 19.26
N LYS A 78 -4.68 -2.31 18.77
CA LYS A 78 -5.66 -2.14 17.70
C LYS A 78 -5.07 -2.56 16.34
N PRO A 79 -5.93 -2.94 15.38
CA PRO A 79 -5.38 -3.29 14.06
C PRO A 79 -4.63 -2.11 13.42
N ASP A 80 -3.47 -2.41 12.87
CA ASP A 80 -2.74 -1.46 12.03
C ASP A 80 -3.60 -1.19 10.80
N VAL A 81 -3.43 -0.02 10.18
CA VAL A 81 -4.06 0.29 8.89
C VAL A 81 -3.84 -0.86 7.87
N GLN A 82 -2.66 -1.48 7.85
CA GLN A 82 -2.38 -2.56 6.88
C GLN A 82 -3.12 -3.86 7.17
N ALA A 83 -3.68 -4.01 8.38
CA ALA A 83 -4.49 -5.19 8.71
C ALA A 83 -5.91 -5.11 8.16
N GLY A 84 -6.33 -3.96 7.66
CA GLY A 84 -7.66 -3.82 7.09
C GLY A 84 -8.71 -4.30 8.08
N ASP A 85 -9.54 -5.26 7.63
CA ASP A 85 -10.64 -5.80 8.45
C ASP A 85 -10.30 -7.17 9.09
N LEU A 86 -9.03 -7.58 9.05
CA LEU A 86 -8.60 -8.86 9.64
C LEU A 86 -8.96 -8.91 11.12
N ASP A 87 -9.36 -10.09 11.56
CA ASP A 87 -9.50 -10.39 12.98
C ASP A 87 -8.08 -10.69 13.45
N VAL A 88 -7.47 -9.71 14.06
CA VAL A 88 -6.04 -9.80 14.39
C VAL A 88 -5.80 -10.73 15.56
N ASP A 89 -6.84 -10.97 16.35
CA ASP A 89 -6.72 -11.91 17.44
C ASP A 89 -6.70 -13.34 16.96
N LYS A 90 -7.44 -13.63 15.90
CA LYS A 90 -7.59 -14.99 15.38
C LYS A 90 -6.32 -15.49 14.67
N VAL A 91 -5.80 -14.65 13.77
CA VAL A 91 -4.61 -14.98 13.01
C VAL A 91 -3.38 -15.12 13.90
N THR A 92 -2.38 -15.87 13.42
CA THR A 92 -1.09 -15.96 14.10
C THR A 92 -0.14 -14.88 13.54
N VAL A 93 0.28 -13.95 14.40
CA VAL A 93 1.19 -12.89 13.98
C VAL A 93 2.64 -13.42 14.12
N LEU A 94 3.34 -13.49 12.98
CA LEU A 94 4.74 -13.96 12.91
C LEU A 94 5.79 -12.88 13.02
N GLY A 95 5.38 -11.65 12.71
CA GLY A 95 6.20 -10.48 12.85
C GLY A 95 5.25 -9.30 12.80
N ASN A 96 5.55 -8.24 13.57
CA ASN A 96 4.56 -7.15 13.80
C ASN A 96 5.12 -5.82 13.32
N GLU A 97 5.96 -5.91 12.30
CA GLU A 97 6.57 -4.76 11.63
C GLU A 97 7.08 -5.29 10.29
N TRP A 98 7.50 -4.37 9.41
CA TRP A 98 8.10 -4.79 8.16
C TRP A 98 9.43 -5.54 8.46
N GLY A 99 9.74 -6.53 7.64
CA GLY A 99 11.04 -7.17 7.66
C GLY A 99 11.28 -8.11 8.84
N LYS A 100 10.20 -8.64 9.41
CA LYS A 100 10.24 -9.49 10.59
C LYS A 100 9.32 -10.71 10.42
N LEU A 101 9.87 -11.91 10.64
CA LEU A 101 9.14 -13.14 10.41
C LEU A 101 9.87 -14.24 11.17
N ASN A 102 9.31 -14.66 12.29
CA ASN A 102 9.92 -15.72 13.09
C ASN A 102 9.85 -17.05 12.35
N VAL A 103 11.02 -17.56 11.97
CA VAL A 103 11.10 -18.76 11.14
C VAL A 103 10.53 -19.99 11.87
N GLU A 104 10.87 -20.17 13.15
CA GLU A 104 10.37 -21.31 13.95
C GLU A 104 8.85 -21.29 14.08
N LYS A 105 8.29 -20.10 14.33
CA LYS A 105 6.86 -19.97 14.41
C LYS A 105 6.18 -20.18 13.06
N TYR A 106 6.80 -19.70 12.01
CA TYR A 106 6.30 -19.93 10.66
C TYR A 106 6.20 -21.43 10.39
N ALA A 107 7.30 -22.13 10.66
CA ALA A 107 7.37 -23.58 10.45
C ALA A 107 6.29 -24.35 11.22
N SER A 108 5.96 -23.85 12.42
CA SER A 108 4.92 -24.43 13.29
C SER A 108 3.50 -24.37 12.71
N LEU A 109 3.26 -23.49 11.74
CA LEU A 109 1.98 -23.39 11.07
C LEU A 109 1.75 -24.40 9.93
N ALA A 110 2.73 -25.25 9.61
CA ALA A 110 2.66 -26.18 8.46
C ALA A 110 2.29 -25.38 7.18
N PRO A 111 3.07 -24.32 6.91
CA PRO A 111 2.73 -23.41 5.84
C PRO A 111 2.67 -24.15 4.49
N GLU A 112 1.64 -23.85 3.72
CA GLU A 112 1.48 -24.47 2.41
C GLU A 112 1.81 -23.47 1.29
N VAL A 113 1.68 -22.16 1.56
CA VAL A 113 2.09 -21.13 0.61
C VAL A 113 2.28 -19.84 1.35
N LEU A 114 3.26 -19.05 0.90
CA LEU A 114 3.53 -17.71 1.41
C LEU A 114 3.18 -16.73 0.32
N ILE A 115 2.41 -15.70 0.66
CA ILE A 115 1.96 -14.69 -0.31
C ILE A 115 2.35 -13.30 0.13
N THR A 116 2.98 -12.56 -0.77
CA THR A 116 3.38 -11.20 -0.45
C THR A 116 3.43 -10.36 -1.71
N THR A 117 3.72 -9.08 -1.54
CA THR A 117 3.90 -8.15 -2.65
C THR A 117 5.37 -8.11 -3.07
N THR A 118 5.64 -7.44 -4.19
CA THR A 118 7.01 -7.16 -4.60
C THR A 118 7.13 -5.78 -5.21
N PHE A 119 8.23 -5.13 -4.87
CA PHE A 119 8.48 -3.74 -5.22
C PHE A 119 9.63 -3.53 -6.19
N ASP A 120 10.11 -4.58 -6.83
CA ASP A 120 11.24 -4.39 -7.77
C ASP A 120 11.20 -5.38 -8.93
N THR A 121 12.08 -5.13 -9.89
CA THR A 121 12.23 -6.01 -11.06
C THR A 121 12.64 -7.43 -10.66
N ALA A 122 13.47 -7.52 -9.63
CA ALA A 122 13.99 -8.81 -9.17
C ALA A 122 12.92 -9.76 -8.63
N GLY A 123 11.77 -9.23 -8.20
CA GLY A 123 10.77 -10.05 -7.52
C GLY A 123 11.03 -10.29 -6.05
N THR A 124 11.85 -9.43 -5.42
CA THR A 124 12.15 -9.54 -3.99
C THR A 124 10.84 -9.64 -3.24
N LEU A 125 10.75 -10.62 -2.35
CA LEU A 125 9.56 -10.83 -1.54
C LEU A 125 9.50 -9.78 -0.43
N TRP A 126 8.46 -8.96 -0.47
CA TRP A 126 8.37 -7.82 0.41
C TRP A 126 8.17 -8.30 1.83
N SER A 127 8.99 -7.77 2.71
CA SER A 127 8.90 -7.94 4.16
C SER A 127 9.38 -9.32 4.66
N VAL A 128 9.82 -10.20 3.76
CA VAL A 128 10.43 -11.47 4.17
C VAL A 128 11.87 -11.09 4.51
N PRO A 129 12.31 -11.31 5.77
CA PRO A 129 13.62 -10.82 6.22
C PRO A 129 14.79 -11.26 5.33
N GLU A 130 15.60 -10.30 4.91
CA GLU A 130 16.71 -10.59 3.99
C GLU A 130 17.62 -11.67 4.57
N GLU A 131 17.80 -11.62 5.90
CA GLU A 131 18.71 -12.53 6.61
C GLU A 131 18.24 -14.00 6.68
N SER A 132 16.92 -14.22 6.59
CA SER A 132 16.38 -15.58 6.71
C SER A 132 15.58 -16.02 5.49
N LYS A 133 15.62 -15.24 4.42
CA LYS A 133 14.75 -15.48 3.25
C LYS A 133 14.96 -16.87 2.63
N ASP A 134 16.21 -17.33 2.57
CA ASP A 134 16.49 -18.69 2.07
C ASP A 134 15.92 -19.80 2.96
N LYS A 135 16.02 -19.62 4.27
CA LYS A 135 15.41 -20.57 5.22
C LYS A 135 13.90 -20.59 5.06
N VAL A 136 13.31 -19.39 4.96
CA VAL A 136 11.88 -19.27 4.76
C VAL A 136 11.41 -19.99 3.48
N ALA A 137 12.14 -19.80 2.39
CA ALA A 137 11.77 -20.41 1.09
C ALA A 137 11.72 -21.94 1.09
N LYS A 138 12.56 -22.56 1.92
CA LYS A 138 12.58 -24.02 2.07
C LYS A 138 11.28 -24.64 2.61
N LEU A 139 10.53 -23.85 3.37
CA LEU A 139 9.37 -24.34 4.10
C LEU A 139 8.06 -24.36 3.30
N ALA A 140 7.97 -23.52 2.27
CA ALA A 140 6.78 -23.43 1.43
C ALA A 140 7.07 -22.56 0.23
N PRO A 141 6.38 -22.83 -0.88
CA PRO A 141 6.52 -22.00 -2.06
C PRO A 141 5.90 -20.62 -1.81
N SER A 142 6.23 -19.67 -2.67
CA SER A 142 5.76 -18.31 -2.52
C SER A 142 5.04 -17.84 -3.75
N VAL A 143 4.14 -16.89 -3.52
CA VAL A 143 3.44 -16.16 -4.55
C VAL A 143 3.70 -14.65 -4.31
N ALA A 144 4.21 -13.98 -5.34
CA ALA A 144 4.41 -12.51 -5.31
C ALA A 144 3.46 -11.79 -6.25
N ILE A 145 2.79 -10.76 -5.74
CA ILE A 145 1.98 -9.82 -6.53
C ILE A 145 2.73 -8.49 -6.60
N SER A 146 3.05 -8.05 -7.81
CA SER A 146 3.90 -6.88 -7.99
C SER A 146 3.13 -5.60 -7.84
N VAL A 147 3.73 -4.71 -7.06
CA VAL A 147 3.26 -3.33 -6.94
C VAL A 147 4.38 -2.40 -7.39
N PHE A 148 5.10 -2.80 -8.45
CA PHE A 148 6.22 -2.04 -8.97
C PHE A 148 5.87 -1.49 -10.35
N ASP A 149 5.91 -0.17 -10.52
CA ASP A 149 6.00 0.43 -11.86
C ASP A 149 4.81 0.05 -12.75
N ARG A 150 3.61 0.28 -12.22
CA ARG A 150 2.37 -0.03 -12.90
C ARG A 150 1.27 0.72 -12.16
N GLN A 151 0.12 0.87 -12.78
CA GLN A 151 -1.01 1.52 -12.11
C GLN A 151 -1.75 0.55 -11.19
N LEU A 152 -2.28 1.09 -10.09
CA LEU A 152 -3.06 0.35 -9.07
C LEU A 152 -4.05 -0.71 -9.60
N THR A 153 -4.71 -0.43 -10.73
CA THR A 153 -5.68 -1.36 -11.31
C THR A 153 -5.06 -2.72 -11.68
N GLN A 154 -3.77 -2.77 -11.97
CA GLN A 154 -3.11 -4.03 -12.34
CA GLN A 154 -3.13 -4.04 -12.34
C GLN A 154 -3.00 -4.99 -11.16
N PRO A 155 -2.30 -4.59 -10.06
CA PRO A 155 -2.29 -5.48 -8.90
C PRO A 155 -3.67 -5.74 -8.29
N LEU A 156 -4.61 -4.80 -8.41
CA LEU A 156 -6.01 -5.08 -7.99
C LEU A 156 -6.60 -6.24 -8.79
N GLN A 157 -6.38 -6.23 -10.10
CA GLN A 157 -6.87 -7.33 -10.94
C GLN A 157 -6.15 -8.67 -10.62
N ARG A 158 -4.86 -8.61 -10.38
CA ARG A 158 -4.09 -9.81 -10.07
C ARG A 158 -4.42 -10.38 -8.69
N MET A 159 -4.66 -9.52 -7.70
CA MET A 159 -5.15 -10.02 -6.40
C MET A 159 -6.52 -10.68 -6.55
N TRP A 160 -7.40 -10.08 -7.35
CA TRP A 160 -8.71 -10.66 -7.68
C TRP A 160 -8.56 -12.07 -8.27
N GLU A 161 -7.68 -12.22 -9.26
CA GLU A 161 -7.40 -13.52 -9.89
C GLU A 161 -6.86 -14.54 -8.89
N LEU A 162 -5.95 -14.08 -8.03
CA LEU A 162 -5.42 -14.97 -6.98
C LEU A 162 -6.52 -15.47 -6.05
N ALA A 163 -7.34 -14.54 -5.55
CA ALA A 163 -8.48 -14.90 -4.69
C ALA A 163 -9.45 -15.86 -5.36
N GLU A 164 -9.72 -15.62 -6.65
CA GLU A 164 -10.60 -16.52 -7.39
C GLU A 164 -9.99 -17.92 -7.54
N SER A 165 -8.67 -18.00 -7.74
CA SER A 165 -8.02 -19.31 -7.87
C SER A 165 -8.07 -20.10 -6.53
N LEU A 166 -8.15 -19.37 -5.41
CA LEU A 166 -8.26 -19.97 -4.09
C LEU A 166 -9.68 -20.32 -3.66
N GLY A 167 -10.67 -20.09 -4.53
CA GLY A 167 -12.04 -20.54 -4.32
C GLY A 167 -12.99 -19.44 -3.83
N ALA A 168 -12.53 -18.18 -3.82
CA ALA A 168 -13.39 -17.07 -3.37
C ALA A 168 -14.53 -16.87 -4.35
N ASP A 169 -15.73 -16.61 -3.82
CA ASP A 169 -16.89 -16.34 -4.67
C ASP A 169 -16.84 -14.88 -5.10
N MET A 170 -16.38 -14.66 -6.32
CA MET A 170 -16.23 -13.32 -6.86
C MET A 170 -17.54 -12.68 -7.33
N LYS A 171 -18.63 -13.46 -7.35
CA LYS A 171 -19.95 -12.92 -7.71
C LYS A 171 -20.84 -12.72 -6.48
N ALA A 172 -20.26 -12.85 -5.30
CA ALA A 172 -20.90 -12.39 -4.08
C ALA A 172 -21.20 -10.90 -4.16
N LYS A 173 -22.36 -10.53 -3.62
CA LYS A 173 -22.87 -9.15 -3.64
C LYS A 173 -21.84 -8.18 -3.06
N LYS A 174 -21.27 -8.53 -1.91
CA LYS A 174 -20.20 -7.72 -1.27
C LYS A 174 -19.02 -7.41 -2.21
N VAL A 175 -18.65 -8.37 -3.05
CA VAL A 175 -17.50 -8.22 -3.96
C VAL A 175 -17.88 -7.34 -5.15
N THR A 176 -18.98 -7.67 -5.82
CA THR A 176 -19.42 -6.85 -6.95
C THR A 176 -19.80 -5.41 -6.54
N ASP A 177 -20.32 -5.23 -5.33
CA ASP A 177 -20.64 -3.88 -4.83
C ASP A 177 -19.36 -3.08 -4.66
N ALA A 178 -18.33 -3.74 -4.11
CA ALA A 178 -17.04 -3.09 -3.85
C ALA A 178 -16.40 -2.64 -5.15
N LYS A 179 -16.46 -3.49 -6.18
CA LYS A 179 -15.92 -3.13 -7.49
C LYS A 179 -16.73 -1.95 -8.11
N ALA A 180 -18.05 -1.98 -8.00
CA ALA A 180 -18.87 -0.85 -8.51
C ALA A 180 -18.52 0.49 -7.82
N ALA A 181 -18.39 0.46 -6.49
CA ALA A 181 -18.04 1.64 -5.70
C ALA A 181 -16.64 2.19 -6.04
N PHE A 182 -15.69 1.29 -6.29
CA PHE A 182 -14.34 1.67 -6.72
C PHE A 182 -14.37 2.47 -8.02
N ASP A 183 -15.08 1.94 -9.01
CA ASP A 183 -15.22 2.61 -10.30
C ASP A 183 -15.83 4.03 -10.18
N LYS A 184 -16.87 4.18 -9.36
CA LYS A 184 -17.48 5.48 -9.06
CA LYS A 184 -17.46 5.50 -9.10
C LYS A 184 -16.47 6.42 -8.38
N ALA A 185 -15.73 5.90 -7.40
CA ALA A 185 -14.70 6.72 -6.74
C ALA A 185 -13.64 7.22 -7.70
N ALA A 186 -13.23 6.36 -8.64
CA ALA A 186 -12.24 6.71 -9.64
C ALA A 186 -12.79 7.83 -10.52
N ALA A 187 -14.07 7.73 -10.89
CA ALA A 187 -14.72 8.78 -11.66
C ALA A 187 -14.79 10.08 -10.86
N ARG A 188 -15.06 9.99 -9.56
CA ARG A 188 -15.10 11.18 -8.69
C ARG A 188 -13.74 11.87 -8.67
N LEU A 189 -12.66 11.11 -8.50
CA LEU A 189 -11.33 11.69 -8.49
C LEU A 189 -10.96 12.34 -9.84
N ARG A 190 -11.27 11.66 -10.94
CA ARG A 190 -11.05 12.23 -12.28
C ARG A 190 -11.76 13.60 -12.41
N ALA A 191 -13.00 13.67 -11.93
CA ALA A 191 -13.80 14.91 -12.00
C ALA A 191 -13.21 16.01 -11.12
N ALA A 192 -12.80 15.66 -9.91
CA ALA A 192 -12.16 16.61 -9.00
C ALA A 192 -10.88 17.22 -9.59
N ALA A 193 -10.04 16.36 -10.17
CA ALA A 193 -8.74 16.76 -10.72
C ALA A 193 -8.93 17.70 -11.94
N LYS A 194 -9.92 17.38 -12.76
CA LYS A 194 -10.31 18.22 -13.90
C LYS A 194 -10.98 19.54 -13.47
N ALA A 195 -11.77 19.51 -12.40
CA ALA A 195 -12.45 20.72 -11.89
C ALA A 195 -11.52 21.69 -11.16
N LYS A 196 -10.45 21.16 -10.56
CA LYS A 196 -9.52 21.94 -9.75
C LYS A 196 -8.06 21.71 -10.20
N PRO A 197 -7.71 22.07 -11.45
CA PRO A 197 -6.36 21.80 -11.99
C PRO A 197 -5.24 22.55 -11.26
N GLU A 198 -5.57 23.63 -10.59
CA GLU A 198 -4.59 24.45 -9.87
C GLU A 198 -4.06 23.82 -8.56
N ILE A 199 -4.78 22.86 -7.99
CA ILE A 199 -4.43 22.26 -6.70
C ILE A 199 -3.24 21.31 -6.83
N ARG A 200 -2.15 21.63 -6.16
CA ARG A 200 -0.89 20.86 -6.24
C ARG A 200 -0.80 19.91 -5.05
N VAL A 201 -0.60 18.62 -5.36
CA VAL A 201 -0.63 17.55 -4.34
C VAL A 201 0.80 17.08 -4.14
N LEU A 202 1.25 17.08 -2.89
CA LEU A 202 2.60 16.62 -2.57
C LEU A 202 2.46 15.32 -1.76
N ALA A 203 3.15 14.28 -2.17
CA ALA A 203 3.14 12.98 -1.49
C ALA A 203 4.37 12.88 -0.60
N GLY A 204 4.12 12.90 0.73
CA GLY A 204 5.18 12.97 1.72
C GLY A 204 5.21 11.77 2.66
N SER A 205 6.31 11.65 3.37
CA SER A 205 6.52 10.64 4.43
C SER A 205 7.53 11.23 5.41
N ALA A 206 7.22 11.17 6.70
CA ALA A 206 8.04 11.77 7.75
C ALA A 206 8.83 10.72 8.55
N SER A 207 10.09 11.03 8.79
CA SER A 207 10.95 10.31 9.72
C SER A 207 11.74 11.32 10.53
N PRO A 208 12.41 10.88 11.61
CA PRO A 208 13.19 11.85 12.39
C PRO A 208 14.30 12.51 11.60
N ASP A 209 15.03 11.75 10.79
CA ASP A 209 16.15 12.33 10.05
C ASP A 209 15.71 13.16 8.84
N LEU A 210 14.66 12.73 8.14
CA LEU A 210 14.34 13.21 6.80
C LEU A 210 12.85 13.25 6.52
N PHE A 211 12.47 14.16 5.62
CA PHE A 211 11.15 14.23 5.06
C PHE A 211 11.30 13.79 3.62
N TYR A 212 10.56 12.76 3.23
CA TYR A 212 10.68 12.20 1.90
C TYR A 212 9.56 12.65 0.99
N VAL A 213 9.89 13.12 -0.20
CA VAL A 213 8.88 13.47 -1.20
C VAL A 213 8.90 12.45 -2.33
N SER A 214 7.76 11.77 -2.51
CA SER A 214 7.64 10.79 -3.56
C SER A 214 7.26 11.47 -4.87
N GLY A 215 7.86 11.02 -5.96
CA GLY A 215 7.28 11.27 -7.30
C GLY A 215 6.22 10.23 -7.56
N THR A 216 5.51 10.38 -8.67
CA THR A 216 4.43 9.49 -8.98
C THR A 216 4.94 8.20 -9.58
N ASN A 217 5.98 8.30 -10.41
CA ASN A 217 6.53 7.13 -11.11
C ASN A 217 6.92 6.04 -10.10
N LEU A 218 6.62 4.80 -10.49
CA LEU A 218 6.96 3.56 -9.73
C LEU A 218 5.92 3.13 -8.70
N SER A 219 5.18 4.08 -8.11
CA SER A 219 4.17 3.77 -7.09
C SER A 219 2.84 3.45 -7.75
N VAL A 220 2.20 2.35 -7.33
CA VAL A 220 0.91 1.96 -7.96
C VAL A 220 -0.23 2.93 -7.68
N ASP A 221 -0.31 3.44 -6.45
CA ASP A 221 -1.37 4.43 -6.14
C ASP A 221 -1.14 5.74 -6.90
N LEU A 222 0.06 6.30 -6.79
CA LEU A 222 0.33 7.61 -7.41
C LEU A 222 0.28 7.56 -8.94
N GLU A 223 0.77 6.47 -9.54
CA GLU A 223 0.66 6.33 -11.02
C GLU A 223 -0.79 6.39 -11.47
N TYR A 224 -1.67 5.72 -10.72
CA TYR A 224 -3.09 5.69 -11.05
C TYR A 224 -3.74 7.06 -10.83
N PHE A 225 -3.38 7.73 -9.73
CA PHE A 225 -3.94 9.03 -9.41
C PHE A 225 -3.52 10.07 -10.47
N LYS A 226 -2.27 9.99 -10.90
CA LYS A 226 -1.73 10.80 -11.99
C LYS A 226 -2.49 10.53 -13.29
N ALA A 227 -2.71 9.26 -13.60
CA ALA A 227 -3.43 8.90 -14.83
C ALA A 227 -4.85 9.45 -14.80
N LEU A 228 -5.45 9.52 -13.61
CA LEU A 228 -6.76 10.16 -13.42
C LEU A 228 -6.74 11.70 -13.50
N GLY A 229 -5.57 12.29 -13.60
CA GLY A 229 -5.41 13.72 -13.84
C GLY A 229 -4.99 14.56 -12.65
N VAL A 230 -4.68 13.93 -11.52
CA VAL A 230 -4.24 14.67 -10.33
C VAL A 230 -2.91 15.41 -10.62
N ASN A 231 -2.82 16.67 -10.20
CA ASN A 231 -1.64 17.52 -10.38
C ASN A 231 -0.68 17.33 -9.19
N PHE A 232 0.33 16.48 -9.35
CA PHE A 232 1.32 16.21 -8.31
C PHE A 232 2.56 17.09 -8.42
N VAL A 233 3.11 17.44 -7.25
CA VAL A 233 4.48 17.92 -7.13
C VAL A 233 5.36 16.74 -7.56
N GLU A 234 6.27 16.98 -8.50
CA GLU A 234 7.15 15.93 -9.03
C GLU A 234 8.60 16.35 -8.83
N PRO A 235 9.28 15.77 -7.83
CA PRO A 235 10.74 15.97 -7.79
C PRO A 235 11.36 15.54 -9.12
N SER A 236 12.46 16.17 -9.52
CA SER A 236 13.14 15.79 -10.75
C SER A 236 13.64 14.35 -10.62
N GLU A 237 13.83 13.67 -11.77
CA GLU A 237 14.48 12.37 -11.76
C GLU A 237 15.82 12.49 -11.10
N ASP A 238 16.49 13.62 -11.32
CA ASP A 238 17.77 13.83 -10.71
C ASP A 238 17.74 13.82 -9.17
N ALA A 239 16.71 14.43 -8.63
CA ALA A 239 16.49 14.50 -7.17
C ALA A 239 16.15 13.16 -6.53
N LYS A 240 15.64 12.23 -7.33
CA LYS A 240 15.25 10.90 -6.84
C LYS A 240 16.28 9.83 -7.13
N LYS A 241 17.40 10.17 -7.77
CA LYS A 241 18.31 9.12 -8.25
C LYS A 241 18.97 8.28 -7.14
N ALA A 242 19.11 8.86 -5.93
CA ALA A 242 19.67 8.11 -4.79
C ALA A 242 18.82 6.89 -4.34
N THR A 243 17.53 6.86 -4.72
CA THR A 243 16.67 5.71 -4.49
C THR A 243 16.27 5.01 -5.78
N GLY A 244 17.04 5.24 -6.84
CA GLY A 244 16.71 4.68 -8.15
C GLY A 244 15.35 5.12 -8.69
N GLY A 245 14.91 6.32 -8.33
CA GLY A 245 13.73 6.93 -8.94
C GLY A 245 12.47 6.99 -8.10
N TRP A 246 12.50 6.47 -6.88
CA TRP A 246 11.31 6.43 -6.00
C TRP A 246 10.98 7.78 -5.33
N PHE A 247 11.94 8.34 -4.59
CA PHE A 247 11.69 9.53 -3.82
C PHE A 247 12.95 10.36 -3.63
N GLU A 248 12.70 11.60 -3.20
CA GLU A 248 13.72 12.56 -2.82
C GLU A 248 13.77 12.68 -1.30
N SER A 249 14.97 12.70 -0.73
CA SER A 249 15.13 12.89 0.71
C SER A 249 15.41 14.38 1.02
N LEU A 250 14.56 15.03 1.82
CA LEU A 250 14.77 16.43 2.19
C LEU A 250 15.10 16.58 3.69
N SER A 251 16.02 17.50 3.99
CA SER A 251 16.19 17.95 5.36
C SER A 251 14.89 18.64 5.77
N TRP A 252 14.55 18.53 7.05
CA TRP A 252 13.33 19.14 7.54
C TRP A 252 13.28 20.66 7.34
N GLU A 253 14.44 21.31 7.40
CA GLU A 253 14.50 22.74 7.14
C GLU A 253 14.18 23.13 5.68
N ASN A 254 14.08 22.15 4.77
CA ASN A 254 13.83 22.42 3.35
CA ASN A 254 13.88 22.35 3.33
C ASN A 254 12.51 21.82 2.88
N VAL A 255 11.60 21.53 3.81
CA VAL A 255 10.29 20.93 3.43
C VAL A 255 9.37 21.89 2.71
N ASP A 256 9.68 23.19 2.72
CA ASP A 256 8.98 24.17 1.90
C ASP A 256 9.57 24.33 0.49
N LYS A 257 10.51 23.47 0.10
CA LYS A 257 11.13 23.51 -1.26
C LYS A 257 10.08 23.58 -2.38
N TYR A 258 9.05 22.73 -2.30
CA TYR A 258 8.01 22.71 -3.31
C TYR A 258 6.72 23.27 -2.77
N PRO A 259 6.17 24.33 -3.40
CA PRO A 259 4.82 24.79 -3.03
C PRO A 259 3.76 23.69 -3.20
N ALA A 260 2.94 23.48 -2.18
CA ALA A 260 1.91 22.44 -2.19
C ALA A 260 0.61 22.98 -1.58
N ASP A 261 -0.51 22.54 -2.14
CA ASP A 261 -1.82 22.89 -1.62
C ASP A 261 -2.45 21.80 -0.77
N VAL A 262 -2.27 20.54 -1.19
CA VAL A 262 -2.70 19.38 -0.42
C VAL A 262 -1.44 18.52 -0.21
N ILE A 263 -1.26 18.03 1.00
CA ILE A 263 -0.17 17.10 1.33
C ILE A 263 -0.78 15.76 1.73
N ILE A 264 -0.36 14.69 1.06
CA ILE A 264 -0.81 13.35 1.40
C ILE A 264 0.40 12.66 2.08
N MET A 265 0.19 12.25 3.33
CA MET A 265 1.26 11.77 4.20
C MET A 265 1.13 10.26 4.43
N ASP A 266 2.22 9.55 4.14
CA ASP A 266 2.42 8.16 4.47
C ASP A 266 1.83 7.81 5.87
N ASP A 267 0.99 6.77 5.87
CA ASP A 267 0.24 6.31 7.04
C ASP A 267 0.84 5.10 7.75
N ARG A 268 1.98 4.60 7.27
CA ARG A 268 2.51 3.33 7.75
C ARG A 268 3.20 3.45 9.10
N ALA A 269 3.24 2.33 9.81
CA ALA A 269 3.79 2.23 11.16
C ALA A 269 5.25 2.64 11.28
N SER A 270 6.01 2.59 10.19
CA SER A 270 7.41 3.01 10.22
C SER A 270 7.60 4.56 10.22
N THR A 271 6.52 5.33 10.15
CA THR A 271 6.62 6.74 9.77
C THR A 271 5.88 7.59 10.78
N ILE A 272 6.32 8.84 10.89
CA ILE A 272 5.71 9.78 11.82
C ILE A 272 4.46 10.33 11.18
N GLN A 273 3.35 10.22 11.91
CA GLN A 273 2.05 10.69 11.45
C GLN A 273 1.92 12.21 11.62
N PRO A 274 1.14 12.87 10.74
CA PRO A 274 1.17 14.33 10.70
C PRO A 274 0.83 15.01 12.01
N ALA A 275 -0.13 14.45 12.76
CA ALA A 275 -0.52 14.98 14.07
C ALA A 275 0.64 15.00 15.07
N ASP A 276 1.65 14.15 14.84
CA ASP A 276 2.79 14.00 15.74
C ASP A 276 4.04 14.74 15.31
N ILE A 277 4.01 15.43 14.17
CA ILE A 277 5.22 16.08 13.67
C ILE A 277 5.40 17.38 14.44
N THR A 278 6.58 17.54 15.06
CA THR A 278 6.89 18.72 15.88
C THR A 278 7.81 19.73 15.20
N GLU A 279 8.39 19.36 14.06
CA GLU A 279 9.33 20.22 13.33
C GLU A 279 8.66 21.54 12.91
N GLY A 280 9.34 22.66 13.15
CA GLY A 280 8.71 23.98 12.98
C GLY A 280 8.42 24.36 11.54
N THR A 281 9.32 23.94 10.65
CA THR A 281 9.15 24.18 9.22
C THR A 281 7.87 23.52 8.67
N TRP A 282 7.64 22.28 9.10
CA TRP A 282 6.40 21.56 8.79
C TRP A 282 5.18 22.36 9.23
N LYS A 283 5.20 22.76 10.49
CA LYS A 283 4.07 23.48 11.12
C LYS A 283 3.73 24.79 10.40
N GLN A 284 4.74 25.42 9.81
CA GLN A 284 4.54 26.66 9.05
C GLN A 284 4.08 26.47 7.61
N LEU A 285 4.06 25.25 7.06
CA LEU A 285 3.64 25.06 5.65
C LEU A 285 2.23 25.55 5.46
N PRO A 286 1.97 26.28 4.36
CA PRO A 286 0.60 26.74 4.09
C PRO A 286 -0.49 25.65 4.11
N ALA A 287 -0.22 24.49 3.48
CA ALA A 287 -1.18 23.38 3.50
C ALA A 287 -1.45 22.83 4.90
N VAL A 288 -0.44 22.84 5.75
CA VAL A 288 -0.57 22.39 7.12
C VAL A 288 -1.44 23.38 7.91
N LYS A 289 -1.13 24.66 7.79
CA LYS A 289 -1.91 25.72 8.47
C LYS A 289 -3.37 25.75 8.02
N ALA A 290 -3.60 25.54 6.74
CA ALA A 290 -4.96 25.48 6.19
C ALA A 290 -5.74 24.18 6.49
N GLY A 291 -5.13 23.21 7.16
CA GLY A 291 -5.76 21.91 7.40
C GLY A 291 -5.96 21.04 6.17
N GLN A 292 -5.06 21.14 5.19
CA GLN A 292 -5.21 20.40 3.93
C GLN A 292 -4.17 19.28 3.86
N VAL A 293 -4.06 18.53 4.95
CA VAL A 293 -3.21 17.34 5.01
C VAL A 293 -4.13 16.15 5.25
N ILE A 294 -3.97 15.11 4.43
CA ILE A 294 -4.67 13.83 4.60
C ILE A 294 -3.67 12.67 4.54
N ALA A 295 -4.18 11.46 4.70
CA ALA A 295 -3.38 10.25 4.60
C ALA A 295 -3.12 9.85 3.14
N ARG A 296 -1.92 9.32 2.89
CA ARG A 296 -1.63 8.48 1.74
C ARG A 296 -1.33 7.10 2.27
N SER A 297 -1.83 6.07 1.58
CA SER A 297 -1.40 4.69 1.86
C SER A 297 -0.43 4.23 0.77
N PRO A 298 0.90 4.39 0.98
CA PRO A 298 1.85 3.92 -0.06
C PRO A 298 1.87 2.41 -0.33
N GLU A 299 1.32 1.63 0.58
CA GLU A 299 1.07 0.19 0.39
C GLU A 299 -0.45 -0.06 0.47
N PRO A 300 -1.18 0.25 -0.61
CA PRO A 300 -2.62 -0.05 -0.63
C PRO A 300 -2.86 -1.50 -0.32
N ILE A 301 -3.93 -1.77 0.42
CA ILE A 301 -4.44 -3.14 0.55
C ILE A 301 -5.16 -3.40 -0.77
N LEU A 302 -4.73 -4.46 -1.47
CA LEU A 302 -5.16 -4.71 -2.86
C LEU A 302 -6.52 -5.40 -2.96
N SER A 303 -7.53 -4.80 -2.35
CA SER A 303 -8.92 -5.13 -2.63
C SER A 303 -9.60 -3.88 -3.09
N TYR A 304 -10.63 -4.04 -3.92
CA TYR A 304 -11.38 -2.86 -4.39
C TYR A 304 -11.96 -2.10 -3.23
N ASP A 305 -12.43 -2.84 -2.23
CA ASP A 305 -12.95 -2.27 -0.99
C ASP A 305 -11.97 -1.28 -0.35
N LYS A 306 -10.73 -1.72 -0.09
CA LYS A 306 -9.79 -0.88 0.64
C LYS A 306 -9.12 0.21 -0.18
N CYS A 307 -9.22 0.12 -1.51
CA CYS A 307 -8.73 1.18 -2.41
C CYS A 307 -9.76 2.27 -2.72
N THR A 308 -11.04 1.99 -2.52
CA THR A 308 -12.09 2.99 -2.69
C THR A 308 -11.90 4.25 -1.84
N PRO A 309 -11.70 4.11 -0.51
CA PRO A 309 -11.43 5.32 0.29
C PRO A 309 -10.17 6.08 -0.11
N LEU A 310 -9.16 5.41 -0.68
CA LEU A 310 -7.99 6.12 -1.20
C LEU A 310 -8.42 7.16 -2.26
N LEU A 311 -9.30 6.74 -3.14
CA LEU A 311 -9.79 7.60 -4.20
C LEU A 311 -10.71 8.71 -3.64
N ASP A 312 -11.71 8.31 -2.85
CA ASP A 312 -12.64 9.27 -2.20
C ASP A 312 -11.93 10.29 -1.29
N ASN A 313 -10.95 9.85 -0.50
CA ASN A 313 -10.22 10.75 0.40
C ASN A 313 -9.45 11.81 -0.40
N LEU A 314 -8.77 11.37 -1.47
CA LEU A 314 -8.02 12.32 -2.29
C LEU A 314 -8.97 13.24 -3.04
N ALA A 315 -10.05 12.68 -3.60
CA ALA A 315 -11.04 13.49 -4.33
C ALA A 315 -11.60 14.59 -3.40
N GLU A 316 -11.96 14.21 -2.18
CA GLU A 316 -12.52 15.17 -1.23
C GLU A 316 -11.52 16.29 -0.86
N ALA A 317 -10.26 15.91 -0.61
CA ALA A 317 -9.20 16.91 -0.38
C ALA A 317 -9.08 17.93 -1.54
N ILE A 318 -9.04 17.43 -2.77
CA ILE A 318 -8.94 18.31 -3.95
C ILE A 318 -10.19 19.19 -4.11
N GLU A 319 -11.36 18.56 -4.02
CA GLU A 319 -12.65 19.26 -4.15
C GLU A 319 -12.70 20.50 -3.30
N ASN A 320 -12.26 20.38 -2.04
CA ASN A 320 -12.36 21.41 -1.01
C ASN A 320 -11.09 22.19 -0.66
N ALA A 321 -9.96 21.88 -1.30
CA ALA A 321 -8.72 22.61 -1.07
C ALA A 321 -8.76 24.04 -1.62
N LYS A 322 -8.18 24.97 -0.86
CA LYS A 322 -7.79 26.28 -1.39
C LYS A 322 -6.37 26.21 -1.94
N LYS A 323 -6.06 27.03 -2.93
CA LYS A 323 -4.70 27.20 -3.39
C LYS A 323 -3.94 28.06 -2.36
N VAL A 324 -2.98 27.47 -1.67
CA VAL A 324 -2.27 28.14 -0.56
C VAL A 324 -0.75 28.11 -0.63
N GLY A 325 -0.17 27.13 -1.34
CA GLY A 325 1.27 26.93 -1.35
C GLY A 325 2.05 28.06 -2.00
#